data_2FP2
#
_entry.id   2FP2
#
_cell.length_a   42.906
_cell.length_b   72.800
_cell.length_c   61.716
_cell.angle_alpha   90.00
_cell.angle_beta   103.99
_cell.angle_gamma   90.00
#
_symmetry.space_group_name_H-M   'P 1 21 1'
#
loop_
_entity.id
_entity.type
_entity.pdbx_description
1 polymer 'Chorismate mutase'
2 non-polymer '8-HYDROXY-2-OXA-BICYCLO[3.3.1]NON-6-ENE-3,5-DICARBOXYLIC ACID'
3 water water
#
_entity_poly.entity_id   1
_entity_poly.type   'polypeptide(L)'
_entity_poly.pdbx_seq_one_letter_code
;DGTSQLAELVDAAAERLEVADPVAAFKWRAQLPIEDSGRVEQQLAKLGEDARSQHIDPDYVTRVFDDQIRATEAIEYSRF
SDWKLNPASAPPEPPDLSASRSAIDSLNNRMLSQIWSHWSLLSAPSCAAQLDRAKRDIVRSRHLDSLYQRALTTATQSYC
QALPPA
;
_entity_poly.pdbx_strand_id   A,B
#
loop_
_chem_comp.id
_chem_comp.type
_chem_comp.name
_chem_comp.formula
TSA non-polymer '8-HYDROXY-2-OXA-BICYCLO[3.3.1]NON-6-ENE-3,5-DICARBOXYLIC ACID' 'C10 H12 O6'
#
# COMPACT_ATOMS: atom_id res chain seq x y z
N THR A 3 -26.21 -9.48 20.17
CA THR A 3 -25.21 -8.38 19.97
C THR A 3 -24.02 -8.69 20.85
N SER A 4 -22.83 -8.67 20.26
CA SER A 4 -21.64 -9.02 20.99
C SER A 4 -21.43 -7.88 21.99
N GLN A 5 -20.92 -8.24 23.16
CA GLN A 5 -20.49 -7.27 24.13
C GLN A 5 -19.34 -6.41 23.60
N LEU A 6 -18.63 -6.91 22.57
CA LEU A 6 -17.52 -6.15 21.96
C LEU A 6 -17.94 -5.34 20.74
N ALA A 7 -19.24 -5.28 20.45
CA ALA A 7 -19.73 -4.58 19.27
C ALA A 7 -19.37 -3.08 19.31
N GLU A 8 -19.57 -2.44 20.45
CA GLU A 8 -19.30 -0.98 20.50
C GLU A 8 -17.80 -0.70 20.25
N LEU A 9 -16.95 -1.53 20.87
CA LEU A 9 -15.49 -1.39 20.68
C LEU A 9 -15.07 -1.58 19.22
N VAL A 10 -15.54 -2.69 18.64
CA VAL A 10 -15.21 -2.98 17.26
C VAL A 10 -15.76 -1.96 16.27
N ASP A 11 -16.96 -1.47 16.55
CA ASP A 11 -17.57 -0.44 15.71
C ASP A 11 -16.74 0.84 15.76
N ALA A 12 -16.28 1.22 16.96
CA ALA A 12 -15.43 2.40 17.15
C ALA A 12 -14.12 2.20 16.40
N ALA A 13 -13.55 1.01 16.49
CA ALA A 13 -12.29 0.69 15.82
C ALA A 13 -12.46 0.83 14.29
N ALA A 14 -13.57 0.31 13.78
CA ALA A 14 -13.85 0.38 12.34
C ALA A 14 -14.06 1.84 11.88
N GLU A 15 -14.84 2.58 12.63
CA GLU A 15 -15.05 4.01 12.34
C GLU A 15 -13.69 4.75 12.35
N ARG A 16 -12.81 4.40 13.30
CA ARG A 16 -11.52 5.04 13.35
C ARG A 16 -10.69 4.65 12.12
N LEU A 17 -10.77 3.37 11.69
CA LEU A 17 -10.09 2.97 10.45
C LEU A 17 -10.49 3.83 9.26
N GLU A 18 -11.78 4.18 9.23
CA GLU A 18 -12.35 4.96 8.12
C GLU A 18 -11.75 6.34 7.97
N VAL A 19 -11.13 6.86 9.04
CA VAL A 19 -10.36 8.10 8.98
C VAL A 19 -9.16 8.01 8.02
N ALA A 20 -8.70 6.79 7.74
CA ALA A 20 -7.65 6.55 6.77
C ALA A 20 -7.90 7.26 5.43
N ASP A 21 -9.17 7.28 5.01
CA ASP A 21 -9.47 7.78 3.66
C ASP A 21 -9.25 9.32 3.53
N PRO A 22 -9.91 10.14 4.39
CA PRO A 22 -9.59 11.56 4.31
C PRO A 22 -8.15 11.85 4.62
N VAL A 23 -7.53 11.11 5.53
CA VAL A 23 -6.15 11.38 5.82
C VAL A 23 -5.23 11.09 4.63
N ALA A 24 -5.42 9.94 3.97
CA ALA A 24 -4.68 9.61 2.79
C ALA A 24 -4.92 10.63 1.67
N ALA A 25 -6.17 11.02 1.45
CA ALA A 25 -6.51 12.02 0.39
C ALA A 25 -5.73 13.30 0.64
N PHE A 26 -5.69 13.73 1.90
CA PHE A 26 -4.93 14.94 2.25
C PHE A 26 -3.43 14.77 2.01
N LYS A 27 -2.87 13.65 2.47
CA LYS A 27 -1.44 13.44 2.35
C LYS A 27 -1.04 13.35 0.87
N TRP A 28 -1.91 12.78 0.05
CA TRP A 28 -1.62 12.59 -1.38
C TRP A 28 -1.48 13.97 -2.02
N ARG A 29 -2.45 14.83 -1.77
CA ARG A 29 -2.47 16.18 -2.39
C ARG A 29 -1.33 17.05 -1.88
N ALA A 30 -0.99 16.87 -0.60
CA ALA A 30 0.05 17.63 0.06
C ALA A 30 1.45 17.01 -0.13
N GLN A 31 1.52 15.88 -0.83
CA GLN A 31 2.77 15.15 -1.05
C GLN A 31 3.52 14.85 0.24
N LEU A 32 2.76 14.35 1.23
CA LEU A 32 3.30 13.98 2.51
C LEU A 32 3.37 12.46 2.53
N PRO A 33 4.32 11.91 3.29
CA PRO A 33 4.38 10.48 3.39
C PRO A 33 3.31 9.98 4.34
N ILE A 34 3.02 8.69 4.20
CA ILE A 34 2.06 8.02 5.08
CA ILE A 34 2.04 8.06 5.09
C ILE A 34 2.60 7.91 6.51
N GLU A 35 3.77 7.30 6.62
CA GLU A 35 4.34 6.98 7.92
C GLU A 35 5.14 8.10 8.53
N ASP A 36 5.22 8.02 9.85
CA ASP A 36 6.09 8.88 10.63
C ASP A 36 6.27 8.25 11.99
N SER A 37 7.42 7.58 12.18
CA SER A 37 7.68 6.82 13.41
C SER A 37 7.62 7.69 14.66
N GLY A 38 8.23 8.87 14.58
CA GLY A 38 8.23 9.79 15.73
C GLY A 38 6.82 10.19 16.11
N ARG A 39 6.00 10.43 15.10
CA ARG A 39 4.59 10.83 15.33
C ARG A 39 3.82 9.73 16.02
N VAL A 40 3.93 8.52 15.49
CA VAL A 40 3.20 7.39 16.06
C VAL A 40 3.66 7.13 17.48
N GLU A 41 4.97 7.26 17.74
CA GLU A 41 5.51 7.06 19.10
CA GLU A 41 5.45 7.03 19.09
C GLU A 41 4.84 8.04 20.06
N GLN A 42 4.68 9.29 19.62
CA GLN A 42 4.03 10.30 20.43
C GLN A 42 2.55 9.95 20.67
N GLN A 43 1.85 9.58 19.61
CA GLN A 43 0.44 9.22 19.73
C GLN A 43 0.25 8.08 20.70
N LEU A 44 1.09 7.05 20.59
CA LEU A 44 0.97 5.89 21.47
C LEU A 44 1.31 6.27 22.92
N ALA A 45 2.31 7.13 23.10
CA ALA A 45 2.65 7.57 24.45
C ALA A 45 1.47 8.26 25.11
N LYS A 46 0.77 9.10 24.35
CA LYS A 46 -0.37 9.86 24.87
C LYS A 46 -1.51 8.91 25.24
N LEU A 47 -1.78 7.93 24.37
CA LEU A 47 -2.74 6.89 24.68
C LEU A 47 -2.41 6.11 25.96
N GLY A 48 -1.13 5.84 26.17
CA GLY A 48 -0.68 5.17 27.40
C GLY A 48 -0.95 6.02 28.60
N GLU A 49 -0.74 7.33 28.47
CA GLU A 49 -1.04 8.26 29.57
C GLU A 49 -2.52 8.30 29.87
N ASP A 50 -3.34 8.31 28.81
CA ASP A 50 -4.80 8.25 28.91
C ASP A 50 -5.15 6.96 29.69
N ALA A 51 -4.58 5.83 29.28
CA ALA A 51 -4.85 4.56 29.94
C ALA A 51 -4.52 4.65 31.44
N ARG A 52 -3.33 5.16 31.78
CA ARG A 52 -2.93 5.28 33.19
C ARG A 52 -3.94 6.06 33.98
N SER A 53 -4.36 7.20 33.44
CA SER A 53 -5.29 8.07 34.19
C SER A 53 -6.63 7.39 34.41
N GLN A 54 -6.95 6.43 33.53
CA GLN A 54 -8.20 5.71 33.54
C GLN A 54 -8.13 4.32 34.17
N HIS A 55 -6.98 3.98 34.74
CA HIS A 55 -6.80 2.71 35.43
C HIS A 55 -7.01 1.54 34.47
N ILE A 56 -6.53 1.75 33.23
CA ILE A 56 -6.44 0.71 32.22
C ILE A 56 -4.95 0.38 32.03
N ASP A 57 -4.63 -0.88 31.80
CA ASP A 57 -3.29 -1.34 31.56
C ASP A 57 -2.70 -0.60 30.33
N PRO A 58 -1.67 0.23 30.54
N PRO A 58 -1.70 0.26 30.55
CA PRO A 58 -1.17 1.00 29.41
CA PRO A 58 -1.16 1.01 29.42
C PRO A 58 -0.43 0.16 28.37
N ASP A 59 0.18 -0.95 28.79
CA ASP A 59 0.88 -1.80 27.84
C ASP A 59 -0.11 -2.45 26.86
N TYR A 60 -1.22 -2.91 27.41
CA TYR A 60 -2.32 -3.45 26.62
C TYR A 60 -2.81 -2.39 25.63
N VAL A 61 -3.08 -1.18 26.10
CA VAL A 61 -3.61 -0.13 25.22
C VAL A 61 -2.57 0.19 24.13
N THR A 62 -1.30 0.23 24.51
CA THR A 62 -0.24 0.51 23.54
C THR A 62 -0.21 -0.53 22.44
N ARG A 63 -0.29 -1.82 22.82
CA ARG A 63 -0.31 -2.92 21.87
C ARG A 63 -1.53 -2.80 20.93
N VAL A 64 -2.69 -2.55 21.50
CA VAL A 64 -3.93 -2.49 20.70
C VAL A 64 -3.87 -1.30 19.73
N PHE A 65 -3.43 -0.14 20.21
CA PHE A 65 -3.41 1.00 19.33
C PHE A 65 -2.27 0.95 18.31
N ASP A 66 -1.19 0.24 18.63
CA ASP A 66 -0.15 -0.02 17.62
C ASP A 66 -0.75 -0.81 16.45
N ASP A 67 -1.52 -1.85 16.78
CA ASP A 67 -2.25 -2.58 15.75
C ASP A 67 -3.20 -1.65 14.98
N GLN A 68 -3.99 -0.88 15.71
CA GLN A 68 -4.95 0.01 15.08
C GLN A 68 -4.30 0.98 14.09
N ILE A 69 -3.20 1.57 14.52
CA ILE A 69 -2.53 2.57 13.71
C ILE A 69 -1.87 1.90 12.49
N ARG A 70 -1.26 0.77 12.66
CA ARG A 70 -0.67 0.05 11.49
CA ARG A 70 -0.68 0.03 11.49
C ARG A 70 -1.77 -0.33 10.50
N ALA A 71 -2.89 -0.79 10.99
CA ALA A 71 -4.00 -1.16 10.09
C ALA A 71 -4.48 0.06 9.29
N THR A 72 -4.49 1.21 9.95
CA THR A 72 -4.89 2.46 9.34
C THR A 72 -3.90 2.86 8.23
N GLU A 73 -2.63 2.76 8.56
CA GLU A 73 -1.55 3.04 7.60
C GLU A 73 -1.68 2.08 6.41
N ALA A 74 -2.05 0.85 6.69
CA ALA A 74 -2.27 -0.13 5.59
C ALA A 74 -3.32 0.39 4.61
N ILE A 75 -4.40 0.96 5.11
CA ILE A 75 -5.43 1.48 4.19
C ILE A 75 -4.87 2.64 3.39
N GLU A 76 -4.18 3.57 4.06
CA GLU A 76 -3.56 4.73 3.39
C GLU A 76 -2.63 4.28 2.28
N TYR A 77 -1.80 3.26 2.54
CA TYR A 77 -0.86 2.76 1.52
C TYR A 77 -1.60 2.14 0.34
N SER A 78 -2.70 1.45 0.63
CA SER A 78 -3.50 0.84 -0.44
C SER A 78 -4.06 1.93 -1.36
N ARG A 79 -4.57 2.99 -0.76
CA ARG A 79 -5.02 4.15 -1.56
C ARG A 79 -3.90 4.76 -2.39
N PHE A 80 -2.72 4.99 -1.80
CA PHE A 80 -1.60 5.51 -2.56
C PHE A 80 -1.26 4.63 -3.77
N SER A 81 -1.37 3.32 -3.57
CA SER A 81 -1.16 2.39 -4.67
C SER A 81 -2.14 2.63 -5.81
N ASP A 82 -3.42 2.67 -5.45
CA ASP A 82 -4.50 2.94 -6.39
C ASP A 82 -4.27 4.24 -7.12
N TRP A 83 -3.90 5.29 -6.39
CA TRP A 83 -3.77 6.61 -6.95
C TRP A 83 -2.51 6.75 -7.82
N LYS A 84 -1.47 5.97 -7.55
CA LYS A 84 -0.32 5.92 -8.44
C LYS A 84 -0.76 5.37 -9.80
N LEU A 85 -1.57 4.34 -9.77
CA LEU A 85 -2.01 3.71 -11.02
C LEU A 85 -2.95 4.65 -11.74
N ASN A 86 -3.84 5.29 -10.99
CA ASN A 86 -4.87 6.14 -11.60
C ASN A 86 -5.01 7.46 -10.82
N PRO A 87 -4.07 8.40 -11.04
CA PRO A 87 -4.06 9.68 -10.30
C PRO A 87 -5.36 10.49 -10.38
N ALA A 88 -6.08 10.39 -11.49
CA ALA A 88 -7.37 11.08 -11.63
C ALA A 88 -8.41 10.63 -10.60
N SER A 89 -8.20 9.44 -10.04
CA SER A 89 -9.12 8.89 -9.07
C SER A 89 -8.88 9.40 -7.64
N ALA A 90 -7.75 10.07 -7.39
CA ALA A 90 -7.51 10.63 -6.05
C ALA A 90 -8.63 11.64 -5.74
N PRO A 91 -9.37 11.41 -4.63
CA PRO A 91 -10.54 12.21 -4.26
C PRO A 91 -10.12 13.58 -3.80
N PRO A 94 -8.53 18.46 0.66
CA PRO A 94 -9.63 17.50 0.75
C PRO A 94 -10.02 17.08 2.18
N PRO A 95 -10.52 18.04 2.99
CA PRO A 95 -9.90 19.34 3.25
C PRO A 95 -8.78 19.10 4.25
N ASP A 96 -8.57 20.03 5.20
CA ASP A 96 -7.55 19.89 6.24
C ASP A 96 -7.92 18.78 7.20
N LEU A 97 -7.03 18.50 8.15
CA LEU A 97 -7.21 17.29 9.00
C LEU A 97 -7.85 17.56 10.35
N SER A 98 -8.38 18.76 10.57
CA SER A 98 -8.93 19.08 11.90
C SER A 98 -10.15 18.20 12.22
N ALA A 99 -11.01 17.98 11.23
CA ALA A 99 -12.17 17.08 11.43
C ALA A 99 -11.72 15.67 11.82
N SER A 100 -10.73 15.17 11.09
CA SER A 100 -10.19 13.85 11.33
C SER A 100 -9.58 13.78 12.74
N ARG A 101 -8.88 14.84 13.12
CA ARG A 101 -8.22 14.86 14.43
C ARG A 101 -9.29 14.77 15.55
N SER A 102 -10.34 15.56 15.40
CA SER A 102 -11.43 15.55 16.39
CA SER A 102 -11.46 15.57 16.36
C SER A 102 -12.12 14.18 16.45
N ALA A 103 -12.34 13.58 15.30
CA ALA A 103 -12.95 12.23 15.21
C ALA A 103 -12.08 11.20 15.93
N ILE A 104 -10.78 11.25 15.67
CA ILE A 104 -9.88 10.27 16.29
CA ILE A 104 -9.83 10.32 16.29
C ILE A 104 -9.85 10.49 17.80
N ASP A 105 -9.90 11.75 18.27
CA ASP A 105 -9.87 11.96 19.70
C ASP A 105 -11.11 11.35 20.35
N SER A 106 -12.26 11.55 19.71
CA SER A 106 -13.50 11.01 20.25
CA SER A 106 -13.51 11.01 20.24
CA SER A 106 -13.51 10.99 20.23
C SER A 106 -13.53 9.47 20.16
N LEU A 107 -13.02 8.92 19.08
CA LEU A 107 -13.00 7.47 18.93
C LEU A 107 -12.00 6.80 19.91
N ASN A 108 -10.87 7.46 20.13
CA ASN A 108 -9.89 6.94 21.11
C ASN A 108 -10.61 6.80 22.45
N ASN A 109 -11.30 7.87 22.85
CA ASN A 109 -11.99 7.87 24.14
C ASN A 109 -13.05 6.75 24.19
N ARG A 110 -13.81 6.59 23.11
CA ARG A 110 -14.84 5.54 23.06
C ARG A 110 -14.20 4.15 23.22
N MET A 111 -13.11 3.96 22.49
CA MET A 111 -12.40 2.68 22.56
C MET A 111 -11.89 2.38 23.97
N LEU A 112 -11.25 3.36 24.60
CA LEU A 112 -10.70 3.16 25.93
C LEU A 112 -11.85 2.85 26.91
N SER A 113 -12.99 3.51 26.71
CA SER A 113 -14.16 3.31 27.63
C SER A 113 -14.59 1.85 27.60
N GLN A 114 -14.52 1.24 26.42
CA GLN A 114 -14.92 -0.17 26.22
C GLN A 114 -13.89 -1.16 26.68
N ILE A 115 -12.61 -0.82 26.55
CA ILE A 115 -11.55 -1.63 27.14
C ILE A 115 -11.73 -1.71 28.64
N TRP A 116 -12.05 -0.58 29.26
CA TRP A 116 -12.33 -0.60 30.68
C TRP A 116 -13.56 -1.43 31.03
N SER A 117 -14.66 -1.19 30.33
CA SER A 117 -15.98 -1.77 30.61
CA SER A 117 -15.95 -1.81 30.72
C SER A 117 -15.94 -3.29 30.46
C SER A 117 -16.11 -3.26 30.31
N HIS A 118 -15.22 -3.73 29.43
CA HIS A 118 -15.22 -5.15 29.02
C HIS A 118 -13.90 -5.87 29.35
N TRP A 119 -13.16 -5.36 30.31
CA TRP A 119 -11.87 -5.90 30.68
C TRP A 119 -11.95 -7.37 31.05
N SER A 120 -12.97 -7.76 31.82
CA SER A 120 -13.11 -9.19 32.17
C SER A 120 -13.27 -10.07 30.96
N LEU A 121 -14.09 -9.66 30.00
CA LEU A 121 -14.33 -10.43 28.80
C LEU A 121 -13.07 -10.49 27.95
N LEU A 122 -12.37 -9.36 27.85
CA LEU A 122 -11.09 -9.31 27.06
C LEU A 122 -10.00 -10.25 27.60
N SER A 123 -10.18 -10.70 28.85
CA SER A 123 -9.27 -11.58 29.56
C SER A 123 -9.76 -13.03 29.57
N ALA A 124 -10.94 -13.26 29.00
CA ALA A 124 -11.68 -14.53 29.16
C ALA A 124 -11.58 -15.43 27.94
N PRO A 125 -11.82 -16.76 28.14
CA PRO A 125 -11.83 -17.66 26.99
C PRO A 125 -12.88 -17.30 25.92
N SER A 126 -13.97 -16.65 26.32
CA SER A 126 -15.03 -16.32 25.40
CA SER A 126 -15.05 -16.30 25.43
C SER A 126 -14.71 -15.12 24.52
N CYS A 127 -13.60 -14.44 24.82
CA CYS A 127 -13.22 -13.25 24.02
C CYS A 127 -13.15 -13.55 22.53
N ALA A 128 -12.51 -14.66 22.14
CA ALA A 128 -12.26 -14.91 20.72
C ALA A 128 -13.57 -14.98 19.94
N ALA A 129 -14.52 -15.70 20.49
CA ALA A 129 -15.83 -15.86 19.86
C ALA A 129 -16.64 -14.59 19.81
N GLN A 130 -16.64 -13.87 20.92
CA GLN A 130 -17.33 -12.59 21.00
C GLN A 130 -16.70 -11.55 20.07
N LEU A 131 -15.38 -11.57 19.91
CA LEU A 131 -14.74 -10.73 18.92
C LEU A 131 -15.16 -11.12 17.50
N ASP A 132 -15.14 -12.43 17.21
CA ASP A 132 -15.53 -12.89 15.89
C ASP A 132 -16.97 -12.46 15.55
N ARG A 133 -17.88 -12.58 16.51
CA ARG A 133 -19.28 -12.15 16.30
C ARG A 133 -19.34 -10.66 16.06
N ALA A 134 -18.62 -9.90 16.88
CA ALA A 134 -18.61 -8.43 16.72
C ALA A 134 -18.10 -8.06 15.34
N LYS A 135 -17.03 -8.67 14.89
CA LYS A 135 -16.48 -8.35 13.58
C LYS A 135 -17.49 -8.65 12.49
N ARG A 136 -18.10 -9.82 12.58
CA ARG A 136 -19.11 -10.21 11.59
C ARG A 136 -20.18 -9.14 11.46
N ASP A 137 -20.67 -8.70 12.60
CA ASP A 137 -21.78 -7.77 12.66
C ASP A 137 -21.40 -6.38 12.19
N ILE A 138 -20.19 -5.93 12.54
CA ILE A 138 -19.72 -4.61 12.09
C ILE A 138 -19.34 -4.59 10.61
N VAL A 139 -18.75 -5.68 10.11
CA VAL A 139 -18.46 -5.81 8.69
C VAL A 139 -19.78 -5.61 7.93
N ARG A 140 -20.84 -6.24 8.43
CA ARG A 140 -22.14 -6.12 7.77
CA ARG A 140 -22.14 -6.11 7.77
C ARG A 140 -22.72 -4.72 7.94
N SER A 141 -22.77 -4.21 9.17
CA SER A 141 -23.44 -2.91 9.41
C SER A 141 -22.73 -1.74 8.73
N ARG A 142 -21.40 -1.80 8.64
CA ARG A 142 -20.62 -0.73 8.01
C ARG A 142 -20.28 -1.02 6.55
N HIS A 143 -20.74 -2.19 6.06
CA HIS A 143 -20.50 -2.67 4.70
C HIS A 143 -19.03 -2.58 4.33
N LEU A 144 -18.19 -3.12 5.21
CA LEU A 144 -16.76 -3.04 5.02
C LEU A 144 -16.33 -3.94 3.88
N ASP A 145 -15.51 -3.39 2.98
CA ASP A 145 -14.97 -4.16 1.87
C ASP A 145 -13.80 -5.06 2.27
N SER A 146 -13.22 -5.80 1.32
CA SER A 146 -12.16 -6.72 1.71
C SER A 146 -10.97 -6.04 2.38
N LEU A 147 -10.62 -4.83 1.92
CA LEU A 147 -9.46 -4.12 2.45
C LEU A 147 -9.78 -3.79 3.92
N TYR A 148 -10.94 -3.18 4.13
CA TYR A 148 -11.33 -2.84 5.53
C TYR A 148 -11.51 -4.07 6.43
N GLN A 149 -11.97 -5.18 5.88
CA GLN A 149 -12.08 -6.43 6.65
C GLN A 149 -10.71 -6.89 7.13
N ARG A 150 -9.70 -6.85 6.25
CA ARG A 150 -8.32 -7.21 6.63
C ARG A 150 -7.81 -6.24 7.69
N ALA A 151 -8.07 -4.97 7.46
CA ALA A 151 -7.64 -3.93 8.42
C ALA A 151 -8.29 -4.15 9.79
N LEU A 152 -9.57 -4.53 9.82
CA LEU A 152 -10.29 -4.71 11.10
C LEU A 152 -9.70 -5.90 11.86
N THR A 153 -9.32 -6.93 11.10
CA THR A 153 -8.67 -8.07 11.71
C THR A 153 -7.35 -7.66 12.35
N THR A 154 -6.50 -6.95 11.61
CA THR A 154 -5.23 -6.45 12.11
C THR A 154 -5.47 -5.58 13.35
N ALA A 155 -6.45 -4.69 13.26
CA ALA A 155 -6.69 -3.73 14.32
C ALA A 155 -7.07 -4.36 15.65
N THR A 156 -7.65 -5.55 15.59
CA THR A 156 -8.31 -6.17 16.73
C THR A 156 -7.56 -7.39 17.21
N GLN A 157 -6.43 -7.70 16.59
CA GLN A 157 -5.76 -9.01 16.80
C GLN A 157 -5.17 -9.14 18.21
N SER A 158 -5.05 -8.03 18.94
CA SER A 158 -4.50 -8.10 20.30
C SER A 158 -5.56 -7.86 21.38
N TYR A 159 -6.83 -7.79 20.98
CA TYR A 159 -7.88 -7.55 21.98
C TYR A 159 -7.94 -8.64 23.05
N CYS A 160 -7.92 -9.89 22.59
CA CYS A 160 -8.17 -11.01 23.47
C CYS A 160 -6.84 -11.46 24.09
N GLN A 161 -6.79 -11.40 25.40
CA GLN A 161 -5.59 -11.63 26.18
CA GLN A 161 -5.55 -11.65 26.11
C GLN A 161 -5.32 -13.14 26.28
N ALA A 162 -4.05 -13.48 26.41
CA ALA A 162 -3.68 -14.88 26.57
C ALA A 162 -4.28 -15.40 27.87
N LEU A 163 -4.65 -16.68 27.84
CA LEU A 163 -5.26 -17.35 29.00
C LEU A 163 -4.20 -18.15 29.79
N PRO A 164 -4.49 -18.47 31.07
CA PRO A 164 -3.53 -19.35 31.78
C PRO A 164 -3.32 -20.63 31.00
N PRO A 165 -2.07 -21.10 30.95
CA PRO A 165 -1.82 -22.30 30.14
C PRO A 165 -2.15 -23.62 30.82
N ALA A 166 -2.61 -23.56 32.09
CA ALA A 166 -3.00 -24.72 32.87
C ALA A 166 -3.79 -24.21 34.06
N SER B 4 2.55 -12.44 -30.19
CA SER B 4 2.61 -10.98 -30.53
C SER B 4 4.04 -10.47 -30.63
N GLN B 5 4.23 -9.54 -31.58
CA GLN B 5 5.54 -8.97 -31.80
C GLN B 5 5.93 -8.05 -30.64
N LEU B 6 4.94 -7.70 -29.78
CA LEU B 6 5.24 -6.89 -28.60
C LEU B 6 5.41 -7.73 -27.32
N ALA B 7 5.44 -9.05 -27.46
CA ALA B 7 5.54 -9.92 -26.30
C ALA B 7 6.84 -9.71 -25.54
N GLU B 8 7.97 -9.61 -26.24
CA GLU B 8 9.25 -9.40 -25.58
C GLU B 8 9.32 -8.08 -24.79
N LEU B 9 8.76 -7.03 -25.35
CA LEU B 9 8.74 -5.74 -24.67
C LEU B 9 7.88 -5.81 -23.40
N VAL B 10 6.69 -6.39 -23.55
CA VAL B 10 5.75 -6.53 -22.41
C VAL B 10 6.36 -7.47 -21.36
N ASP B 11 7.01 -8.52 -21.80
CA ASP B 11 7.68 -9.43 -20.86
C ASP B 11 8.74 -8.68 -20.06
N ALA B 12 9.53 -7.84 -20.72
CA ALA B 12 10.59 -7.07 -20.06
C ALA B 12 9.93 -6.12 -19.00
N ALA B 13 8.89 -5.43 -19.42
CA ALA B 13 8.11 -4.54 -18.56
C ALA B 13 7.61 -5.26 -17.33
N ALA B 14 7.07 -6.46 -17.53
CA ALA B 14 6.52 -7.27 -16.42
C ALA B 14 7.65 -7.73 -15.52
N GLU B 15 8.75 -8.18 -16.12
CA GLU B 15 9.91 -8.58 -15.33
C GLU B 15 10.40 -7.44 -14.45
N ARG B 16 10.41 -6.23 -14.99
CA ARG B 16 10.89 -5.06 -14.28
C ARG B 16 9.87 -4.73 -13.17
N LEU B 17 8.56 -4.88 -13.43
CA LEU B 17 7.55 -4.68 -12.40
C LEU B 17 7.83 -5.60 -11.21
N GLU B 18 8.26 -6.84 -11.51
CA GLU B 18 8.49 -7.82 -10.44
C GLU B 18 9.63 -7.42 -9.49
N VAL B 19 10.53 -6.57 -9.94
CA VAL B 19 11.63 -6.06 -9.09
C VAL B 19 11.07 -5.15 -7.98
N ALA B 20 9.81 -4.70 -8.13
CA ALA B 20 9.16 -3.90 -7.07
C ALA B 20 9.15 -4.66 -5.76
N ASP B 21 9.00 -5.98 -5.84
CA ASP B 21 8.90 -6.82 -4.63
C ASP B 21 10.17 -6.76 -3.79
N PRO B 22 11.34 -7.20 -4.34
CA PRO B 22 12.58 -7.05 -3.53
C PRO B 22 12.96 -5.62 -3.15
N VAL B 23 12.56 -4.65 -3.97
CA VAL B 23 12.86 -3.28 -3.68
C VAL B 23 12.03 -2.86 -2.45
N ALA B 24 10.75 -3.18 -2.49
CA ALA B 24 9.82 -2.89 -1.39
C ALA B 24 10.35 -3.55 -0.10
N ALA B 25 10.68 -4.81 -0.21
CA ALA B 25 11.21 -5.58 0.95
C ALA B 25 12.42 -4.88 1.60
N PHE B 26 13.38 -4.47 0.78
CA PHE B 26 14.54 -3.75 1.27
C PHE B 26 14.16 -2.43 1.97
N LYS B 27 13.27 -1.65 1.33
CA LYS B 27 12.90 -0.37 1.88
C LYS B 27 12.13 -0.52 3.18
N TRP B 28 11.38 -1.62 3.27
CA TRP B 28 10.57 -1.90 4.45
C TRP B 28 11.51 -2.11 5.65
N ARG B 29 12.49 -3.00 5.45
CA ARG B 29 13.50 -3.31 6.50
C ARG B 29 14.33 -2.11 6.89
N ALA B 30 14.70 -1.29 5.91
CA ALA B 30 15.54 -0.09 6.11
C ALA B 30 14.75 1.17 6.48
N GLN B 31 13.42 1.09 6.45
CA GLN B 31 12.53 2.23 6.68
C GLN B 31 12.85 3.43 5.76
N LEU B 32 13.04 3.09 4.48
CA LEU B 32 13.28 4.09 3.45
C LEU B 32 11.95 4.42 2.75
N PRO B 33 11.79 5.68 2.32
CA PRO B 33 10.62 6.00 1.49
C PRO B 33 10.55 5.17 0.20
N ILE B 34 9.35 5.05 -0.32
CA ILE B 34 9.12 4.32 -1.57
C ILE B 34 9.56 5.14 -2.76
N GLU B 35 9.16 6.42 -2.77
CA GLU B 35 9.53 7.30 -3.87
C GLU B 35 10.94 7.86 -3.67
N ASP B 36 11.75 7.75 -4.71
CA ASP B 36 13.12 8.26 -4.71
C ASP B 36 13.26 9.12 -5.95
N SER B 37 12.95 10.40 -5.79
CA SER B 37 12.91 11.32 -6.94
C SER B 37 14.28 11.44 -7.62
N GLY B 38 15.36 11.36 -6.85
CA GLY B 38 16.69 11.40 -7.44
C GLY B 38 16.96 10.24 -8.41
N ARG B 39 16.58 9.04 -7.99
CA ARG B 39 16.75 7.85 -8.82
C ARG B 39 15.84 7.89 -10.08
N VAL B 40 14.61 8.36 -9.92
CA VAL B 40 13.72 8.54 -11.08
C VAL B 40 14.37 9.53 -12.09
N GLU B 41 14.88 10.65 -11.57
CA GLU B 41 15.51 11.64 -12.45
C GLU B 41 16.73 11.09 -13.19
N GLN B 42 17.59 10.38 -12.46
CA GLN B 42 18.77 9.72 -13.00
C GLN B 42 18.39 8.83 -14.19
N GLN B 43 17.39 7.98 -13.98
CA GLN B 43 17.00 7.03 -15.03
C GLN B 43 16.44 7.75 -16.23
N LEU B 44 15.55 8.70 -16.01
CA LEU B 44 14.86 9.36 -17.12
C LEU B 44 15.86 10.17 -17.95
N ALA B 45 16.85 10.73 -17.26
CA ALA B 45 17.96 11.45 -17.92
C ALA B 45 18.80 10.53 -18.79
N LYS B 46 19.20 9.39 -18.24
CA LYS B 46 20.02 8.45 -18.97
C LYS B 46 19.26 7.92 -20.17
N LEU B 47 18.00 7.55 -19.94
CA LEU B 47 17.21 6.96 -21.01
C LEU B 47 16.90 7.97 -22.10
N GLY B 48 16.66 9.21 -21.69
CA GLY B 48 16.44 10.32 -22.64
C GLY B 48 17.65 10.51 -23.54
N GLU B 49 18.84 10.42 -22.95
CA GLU B 49 20.08 10.54 -23.69
C GLU B 49 20.34 9.35 -24.59
N ASP B 50 20.03 8.15 -24.11
CA ASP B 50 20.19 6.95 -24.95
C ASP B 50 19.25 7.02 -26.14
N ALA B 51 18.02 7.48 -25.90
CA ALA B 51 17.05 7.66 -26.97
C ALA B 51 17.59 8.63 -28.02
N ARG B 52 18.01 9.80 -27.58
CA ARG B 52 18.58 10.81 -28.50
C ARG B 52 19.75 10.27 -29.31
N SER B 53 20.64 9.56 -28.64
CA SER B 53 21.85 9.02 -29.28
C SER B 53 21.53 7.93 -30.30
N GLN B 54 20.42 7.22 -30.09
CA GLN B 54 19.97 6.16 -31.00
C GLN B 54 18.91 6.68 -31.96
N HIS B 55 18.60 7.97 -31.87
CA HIS B 55 17.64 8.67 -32.75
C HIS B 55 16.20 8.20 -32.57
N ILE B 56 15.87 7.91 -31.31
CA ILE B 56 14.53 7.51 -30.89
C ILE B 56 13.89 8.70 -30.21
N ASP B 57 12.61 8.92 -30.47
CA ASP B 57 11.89 10.09 -29.92
C ASP B 57 11.94 10.07 -28.39
N PRO B 58 12.69 11.03 -27.79
CA PRO B 58 12.90 10.98 -26.36
C PRO B 58 11.65 11.28 -25.53
N ASP B 59 10.76 12.10 -26.07
CA ASP B 59 9.51 12.43 -25.38
C ASP B 59 8.63 11.17 -25.18
N TYR B 60 8.55 10.35 -26.23
CA TYR B 60 7.84 9.07 -26.15
C TYR B 60 8.49 8.15 -25.07
N VAL B 61 9.81 8.09 -25.09
CA VAL B 61 10.55 7.19 -24.21
C VAL B 61 10.38 7.64 -22.77
N THR B 62 10.46 8.94 -22.53
CA THR B 62 10.22 9.49 -21.17
C THR B 62 8.82 9.17 -20.64
N ARG B 63 7.83 9.30 -21.50
CA ARG B 63 6.46 9.01 -21.13
C ARG B 63 6.28 7.56 -20.71
N VAL B 64 6.82 6.66 -21.53
CA VAL B 64 6.73 5.22 -21.27
C VAL B 64 7.37 4.89 -19.93
N PHE B 65 8.56 5.42 -19.69
CA PHE B 65 9.28 5.07 -18.46
C PHE B 65 8.63 5.72 -17.25
N ASP B 66 8.05 6.89 -17.44
CA ASP B 66 7.26 7.50 -16.36
C ASP B 66 6.11 6.59 -15.92
N ASP B 67 5.40 6.03 -16.91
CA ASP B 67 4.34 5.09 -16.65
C ASP B 67 4.89 3.85 -15.90
N GLN B 68 6.01 3.30 -16.38
CA GLN B 68 6.59 2.11 -15.81
C GLN B 68 6.94 2.36 -14.35
N ILE B 69 7.55 3.52 -14.11
CA ILE B 69 8.03 3.91 -12.77
C ILE B 69 6.85 4.11 -11.80
N ARG B 70 5.82 4.79 -12.26
CA ARG B 70 4.62 4.98 -11.44
C ARG B 70 3.98 3.62 -11.07
N ALA B 71 3.90 2.72 -12.04
CA ALA B 71 3.36 1.40 -11.78
C ALA B 71 4.16 0.62 -10.73
N THR B 72 5.47 0.83 -10.77
CA THR B 72 6.41 0.17 -9.87
C THR B 72 6.17 0.69 -8.46
N GLU B 73 6.09 1.99 -8.35
CA GLU B 73 5.77 2.63 -7.05
C GLU B 73 4.43 2.15 -6.53
N ALA B 74 3.44 2.01 -7.41
CA ALA B 74 2.16 1.46 -6.98
C ALA B 74 2.27 0.06 -6.34
N ILE B 75 3.06 -0.83 -6.95
CA ILE B 75 3.26 -2.14 -6.39
C ILE B 75 3.95 -2.04 -5.01
N GLU B 76 4.97 -1.22 -4.91
CA GLU B 76 5.70 -1.03 -3.62
C GLU B 76 4.72 -0.56 -2.53
N TYR B 77 3.87 0.43 -2.85
CA TYR B 77 2.83 0.88 -1.88
C TYR B 77 1.88 -0.23 -1.47
N SER B 78 1.45 -1.04 -2.44
CA SER B 78 0.59 -2.15 -2.11
C SER B 78 1.26 -3.16 -1.17
N ARG B 79 2.52 -3.47 -1.43
CA ARG B 79 3.23 -4.41 -0.53
C ARG B 79 3.35 -3.84 0.90
N PHE B 80 3.69 -2.55 0.99
CA PHE B 80 3.71 -1.88 2.32
C PHE B 80 2.33 -2.00 3.01
N SER B 81 1.26 -1.84 2.24
CA SER B 81 -0.08 -2.06 2.80
C SER B 81 -0.21 -3.48 3.38
N ASP B 82 0.11 -4.48 2.56
CA ASP B 82 0.07 -5.86 3.00
C ASP B 82 0.89 -6.10 4.28
N TRP B 83 2.08 -5.50 4.36
CA TRP B 83 3.02 -5.76 5.44
C TRP B 83 2.62 -4.98 6.67
N LYS B 84 1.97 -3.84 6.49
CA LYS B 84 1.37 -3.20 7.66
C LYS B 84 0.28 -4.09 8.27
N LEU B 85 -0.48 -4.82 7.44
CA LEU B 85 -1.54 -5.71 7.92
C LEU B 85 -0.94 -6.96 8.57
N ASN B 86 0.16 -7.45 7.96
CA ASN B 86 0.82 -8.66 8.43
C ASN B 86 2.32 -8.60 8.16
N PRO B 87 3.10 -8.07 9.12
CA PRO B 87 4.54 -7.82 8.98
C PRO B 87 5.35 -9.09 8.82
N ALA B 88 4.79 -10.20 9.32
CA ALA B 88 5.41 -11.51 9.18
C ALA B 88 5.57 -11.98 7.72
N SER B 89 4.78 -11.38 6.81
CA SER B 89 4.86 -11.75 5.40
CA SER B 89 4.81 -11.69 5.38
C SER B 89 5.94 -11.00 4.60
C SER B 89 6.00 -11.05 4.64
N ALA B 90 6.61 -10.04 5.24
CA ALA B 90 7.71 -9.26 4.60
C ALA B 90 8.96 -10.13 4.41
N PRO B 91 9.50 -10.21 3.20
CA PRO B 91 10.79 -10.92 3.08
C PRO B 91 11.89 -10.33 3.97
N PRO B 92 12.45 -11.15 4.88
CA PRO B 92 13.43 -10.65 5.86
C PRO B 92 14.82 -10.37 5.30
N GLU B 93 15.20 -11.06 4.23
CA GLU B 93 16.56 -10.95 3.67
CA GLU B 93 16.54 -10.96 3.67
C GLU B 93 16.52 -10.69 2.16
N PRO B 94 15.92 -9.54 1.77
CA PRO B 94 15.92 -9.21 0.36
C PRO B 94 17.32 -8.81 -0.15
N PRO B 95 17.53 -8.93 -1.48
CA PRO B 95 18.75 -8.42 -2.09
C PRO B 95 18.87 -6.93 -1.87
N ASP B 96 20.11 -6.43 -1.87
CA ASP B 96 20.40 -5.02 -1.70
CA ASP B 96 20.38 -5.02 -1.68
C ASP B 96 19.69 -4.21 -2.77
N LEU B 97 19.30 -2.99 -2.41
CA LEU B 97 18.70 -2.04 -3.34
C LEU B 97 19.63 -1.81 -4.55
N SER B 98 20.95 -1.72 -4.28
CA SER B 98 21.97 -1.62 -5.33
C SER B 98 21.83 -2.73 -6.38
N ALA B 99 21.61 -3.96 -5.92
CA ALA B 99 21.48 -5.12 -6.80
C ALA B 99 20.19 -5.00 -7.62
N SER B 100 19.11 -4.69 -6.92
CA SER B 100 17.82 -4.47 -7.59
C SER B 100 17.90 -3.37 -8.66
N ARG B 101 18.59 -2.27 -8.35
CA ARG B 101 18.78 -1.16 -9.28
C ARG B 101 19.63 -1.57 -10.49
N SER B 102 20.65 -2.39 -10.28
CA SER B 102 21.41 -2.93 -11.42
C SER B 102 20.54 -3.77 -12.35
N ALA B 103 19.71 -4.65 -11.79
CA ALA B 103 18.78 -5.47 -12.58
C ALA B 103 17.83 -4.54 -13.35
N ILE B 104 17.33 -3.51 -12.69
CA ILE B 104 16.45 -2.51 -13.35
C ILE B 104 17.17 -1.78 -14.49
N ASP B 105 18.42 -1.40 -14.27
CA ASP B 105 19.23 -0.76 -15.30
C ASP B 105 19.27 -1.63 -16.57
N SER B 106 19.51 -2.92 -16.39
CA SER B 106 19.54 -3.85 -17.52
C SER B 106 18.18 -3.94 -18.21
N LEU B 107 17.11 -3.98 -17.43
CA LEU B 107 15.75 -4.06 -18.01
C LEU B 107 15.40 -2.78 -18.74
N ASN B 108 15.80 -1.65 -18.20
CA ASN B 108 15.65 -0.35 -18.88
C ASN B 108 16.24 -0.45 -20.30
N ASN B 109 17.47 -0.94 -20.36
CA ASN B 109 18.13 -1.09 -21.66
C ASN B 109 17.39 -2.05 -22.59
N ARG B 110 16.98 -3.18 -22.08
CA ARG B 110 16.22 -4.14 -22.87
C ARG B 110 14.94 -3.53 -23.41
N MET B 111 14.23 -2.78 -22.57
CA MET B 111 12.97 -2.15 -23.01
C MET B 111 13.22 -1.13 -24.12
N LEU B 112 14.25 -0.30 -23.97
CA LEU B 112 14.53 0.71 -24.99
C LEU B 112 14.96 0.02 -26.29
N SER B 113 15.73 -1.06 -26.18
CA SER B 113 16.13 -1.83 -27.37
C SER B 113 14.90 -2.42 -28.08
N GLN B 114 13.94 -2.92 -27.31
CA GLN B 114 12.71 -3.46 -27.89
C GLN B 114 11.83 -2.37 -28.51
N ILE B 115 11.78 -1.19 -27.87
CA ILE B 115 11.08 -0.03 -28.41
C ILE B 115 11.65 0.34 -29.77
N TRP B 116 12.97 0.43 -29.85
CA TRP B 116 13.60 0.73 -31.13
C TRP B 116 13.25 -0.36 -32.18
N SER B 117 13.46 -1.60 -31.79
CA SER B 117 13.24 -2.73 -32.70
C SER B 117 11.81 -2.76 -33.27
N HIS B 118 10.82 -2.45 -32.42
CA HIS B 118 9.44 -2.56 -32.80
C HIS B 118 8.77 -1.22 -33.07
N TRP B 119 9.56 -0.22 -33.42
CA TRP B 119 9.03 1.12 -33.65
C TRP B 119 7.93 1.13 -34.70
N SER B 120 8.12 0.33 -35.76
N SER B 120 8.11 0.35 -35.76
CA SER B 120 7.16 0.29 -36.87
CA SER B 120 7.12 0.35 -36.84
C SER B 120 5.81 -0.29 -36.49
C SER B 120 5.77 -0.18 -36.40
N LEU B 121 5.78 -1.09 -35.42
CA LEU B 121 4.52 -1.66 -34.91
C LEU B 121 3.94 -0.75 -33.83
N LEU B 122 4.79 -0.24 -32.94
CA LEU B 122 4.31 0.69 -31.91
C LEU B 122 3.61 1.94 -32.48
N SER B 123 4.05 2.37 -33.67
CA SER B 123 3.51 3.53 -34.36
C SER B 123 2.45 3.19 -35.41
N ALA B 124 2.04 1.93 -35.47
CA ALA B 124 1.10 1.43 -36.51
C ALA B 124 -0.30 1.32 -35.91
N PRO B 125 -1.33 1.33 -36.77
CA PRO B 125 -2.69 1.18 -36.18
C PRO B 125 -2.92 -0.13 -35.44
N SER B 126 -2.22 -1.20 -35.81
CA SER B 126 -2.37 -2.52 -35.18
C SER B 126 -1.74 -2.62 -33.79
N CYS B 127 -1.11 -1.52 -33.35
CA CYS B 127 -0.41 -1.54 -32.06
C CYS B 127 -1.38 -1.98 -30.92
N ALA B 128 -2.56 -1.37 -30.85
CA ALA B 128 -3.46 -1.61 -29.70
C ALA B 128 -3.80 -3.11 -29.62
N ALA B 129 -4.16 -3.71 -30.75
CA ALA B 129 -4.43 -5.13 -30.82
C ALA B 129 -3.25 -5.98 -30.39
N GLN B 130 -2.06 -5.65 -30.91
CA GLN B 130 -0.85 -6.41 -30.62
C GLN B 130 -0.46 -6.29 -29.15
N LEU B 131 -0.70 -5.11 -28.59
CA LEU B 131 -0.41 -4.88 -27.17
C LEU B 131 -1.38 -5.67 -26.30
N ASP B 132 -2.68 -5.64 -26.62
CA ASP B 132 -3.61 -6.45 -25.83
C ASP B 132 -3.24 -7.92 -25.88
N ARG B 133 -2.86 -8.41 -27.07
CA ARG B 133 -2.42 -9.79 -27.22
C ARG B 133 -1.20 -10.11 -26.36
N ALA B 134 -0.17 -9.27 -26.47
CA ALA B 134 1.05 -9.45 -25.67
C ALA B 134 0.73 -9.47 -24.17
N LYS B 135 -0.08 -8.54 -23.72
CA LYS B 135 -0.44 -8.48 -22.28
C LYS B 135 -1.13 -9.77 -21.83
N ARG B 136 -2.08 -10.27 -22.64
CA ARG B 136 -2.76 -11.55 -22.28
C ARG B 136 -1.73 -12.68 -22.09
N ASP B 137 -0.81 -12.78 -23.02
CA ASP B 137 0.15 -13.85 -23.03
C ASP B 137 1.14 -13.74 -21.88
N ILE B 138 1.58 -12.52 -21.56
CA ILE B 138 2.58 -12.33 -20.48
C ILE B 138 1.88 -12.46 -19.12
N VAL B 139 0.63 -12.00 -19.01
CA VAL B 139 -0.12 -12.20 -17.77
C VAL B 139 -0.20 -13.70 -17.45
N ARG B 140 -0.39 -14.51 -18.49
CA ARG B 140 -0.48 -15.97 -18.33
C ARG B 140 0.89 -16.58 -18.03
N SER B 141 1.87 -16.27 -18.86
CA SER B 141 3.19 -16.90 -18.75
C SER B 141 3.88 -16.54 -17.42
N ARG B 142 3.59 -15.34 -16.89
CA ARG B 142 4.16 -14.90 -15.61
C ARG B 142 3.24 -15.08 -14.42
N HIS B 143 2.03 -15.56 -14.66
CA HIS B 143 0.99 -15.73 -13.64
C HIS B 143 0.85 -14.46 -12.83
N LEU B 144 0.54 -13.37 -13.53
CA LEU B 144 0.37 -12.09 -12.86
C LEU B 144 -0.98 -12.04 -12.18
N ASP B 145 -0.94 -11.59 -10.92
CA ASP B 145 -2.16 -11.44 -10.13
C ASP B 145 -2.83 -10.11 -10.44
N SER B 146 -3.95 -9.84 -9.76
CA SER B 146 -4.74 -8.65 -10.02
C SER B 146 -3.92 -7.35 -9.98
N LEU B 147 -3.08 -7.21 -8.96
CA LEU B 147 -2.27 -6.01 -8.79
C LEU B 147 -1.33 -5.87 -10.00
N TYR B 148 -0.66 -6.95 -10.33
CA TYR B 148 0.33 -6.90 -11.44
C TYR B 148 -0.34 -6.67 -12.78
N GLN B 149 -1.54 -7.21 -12.94
CA GLN B 149 -2.32 -6.89 -14.17
C GLN B 149 -2.64 -5.42 -14.30
N ARG B 150 -3.12 -4.83 -13.22
CA ARG B 150 -3.33 -3.38 -13.20
C ARG B 150 -2.05 -2.59 -13.49
N ALA B 151 -0.98 -2.97 -12.82
CA ALA B 151 0.31 -2.32 -12.96
C ALA B 151 0.81 -2.43 -14.41
N LEU B 152 0.60 -3.58 -15.03
CA LEU B 152 1.11 -3.77 -16.41
C LEU B 152 0.29 -2.91 -17.37
N THR B 153 -1.02 -2.77 -17.12
CA THR B 153 -1.83 -1.85 -17.93
C THR B 153 -1.30 -0.43 -17.83
N THR B 154 -1.03 0.03 -16.60
CA THR B 154 -0.50 1.36 -16.39
C THR B 154 0.88 1.51 -17.07
N ALA B 155 1.74 0.51 -16.90
CA ALA B 155 3.09 0.55 -17.46
C ALA B 155 3.12 0.67 -19.00
N THR B 156 2.11 0.10 -19.64
CA THR B 156 2.09 -0.02 -21.11
C THR B 156 1.12 0.94 -21.76
N GLN B 157 0.51 1.84 -20.99
CA GLN B 157 -0.64 2.62 -21.50
C GLN B 157 -0.26 3.63 -22.57
N SER B 158 1.03 3.98 -22.67
CA SER B 158 1.48 4.96 -23.67
C SER B 158 2.21 4.29 -24.87
N TYR B 159 2.31 2.97 -24.90
CA TYR B 159 3.09 2.30 -25.96
C TYR B 159 2.67 2.69 -27.34
N CYS B 160 1.36 2.69 -27.54
CA CYS B 160 0.83 2.91 -28.88
C CYS B 160 0.79 4.40 -29.26
N GLN B 161 1.43 5.26 -28.48
CA GLN B 161 1.52 6.68 -28.83
C GLN B 161 2.67 7.03 -29.80
N ALA B 162 3.48 6.04 -30.15
CA ALA B 162 4.66 6.28 -31.00
C ALA B 162 4.23 6.84 -32.35
N LEU B 163 4.94 7.87 -32.82
CA LEU B 163 4.66 8.44 -34.14
C LEU B 163 5.49 7.77 -35.23
N PRO B 164 4.84 7.39 -36.35
CA PRO B 164 5.58 6.81 -37.48
C PRO B 164 6.67 7.76 -37.96
N PRO B 165 7.83 7.24 -38.43
CA PRO B 165 8.89 8.12 -38.92
C PRO B 165 8.44 9.00 -40.09
N ALA B 166 9.02 10.19 -40.13
CA ALA B 166 8.70 11.16 -41.18
C ALA B 166 9.15 10.61 -42.54
C1 TSA C . 11.80 2.90 -9.16
C2 TSA C . 12.73 4.09 -8.93
C3 TSA C . 12.60 4.93 -7.90
C4 TSA C . 11.53 4.76 -6.82
O5 TSA C . 10.72 5.92 -6.76
C5 TSA C . 10.69 3.51 -7.03
C6 TSA C . 10.44 3.20 -8.51
O7 TSA C . 11.35 2.38 -6.43
C8 TSA C . 12.48 1.71 -7.02
C9 TSA C . 12.35 1.63 -8.55
C10 TSA C . 11.68 2.55 -10.63
O1 TSA C . 10.58 2.11 -11.06
O2 TSA C . 12.71 2.67 -11.35
C11 TSA C . 13.81 2.29 -6.60
O3 TSA C . 14.81 2.07 -7.37
O4 TSA C . 13.90 2.98 -5.55
#